data_8TI5
#
_entry.id   8TI5
#
_cell.length_a   55.364
_cell.length_b   55.364
_cell.length_c   78.814
_cell.angle_alpha   90.000
_cell.angle_beta   90.000
_cell.angle_gamma   120.000
#
_symmetry.space_group_name_H-M   'P 31 2 1'
#
loop_
_entity.id
_entity.type
_entity.pdbx_description
1 polymer Profilin
2 non-polymer 'SULFATE ION'
3 water water
#
_entity_poly.entity_id   1
_entity_poly.type   'polypeptide(L)'
_entity_poly.pdbx_seq_one_letter_code
;SGSGSWQSYVDNQICQHVDCRLAVIAGLQDGAVWAKFEKDLPKQITQQELKTIADAIRSNPNSFLEGGIHLGGEKYICIQ
ADNSLVRGRKGSSALCIVATNTCLLAAATVDGFPPGQLNNVVEKLGDYLKANNY
;
_entity_poly.pdbx_strand_id   A
#
# COMPACT_ATOMS: atom_id res chain seq x y z
N GLY A 4 9.61 15.34 7.59
CA GLY A 4 10.58 15.10 6.49
C GLY A 4 10.78 13.61 6.23
N SER A 5 10.94 12.81 7.31
CA SER A 5 11.39 11.44 7.16
C SER A 5 10.28 10.58 6.54
N TRP A 6 10.70 9.46 5.95
CA TRP A 6 9.70 8.52 5.42
C TRP A 6 8.80 8.02 6.54
N GLN A 7 9.36 7.75 7.72
CA GLN A 7 8.53 7.27 8.83
C GLN A 7 7.49 8.33 9.22
N SER A 8 7.79 9.62 9.05
CA SER A 8 6.79 10.64 9.39
C SER A 8 5.61 10.63 8.41
N TYR A 9 5.81 10.35 7.12
CA TYR A 9 4.70 10.27 6.20
C TYR A 9 3.81 9.12 6.60
N VAL A 10 4.43 8.00 7.01
CA VAL A 10 3.65 6.86 7.42
C VAL A 10 2.89 7.19 8.70
N ASP A 11 3.60 7.70 9.71
CA ASP A 11 2.99 7.85 11.05
C ASP A 11 2.02 9.04 11.12
N ASN A 12 2.16 10.00 10.21
CA ASN A 12 1.32 11.21 10.25
C ASN A 12 0.37 11.25 9.05
N GLN A 13 0.91 11.60 7.88
CA GLN A 13 0.05 11.79 6.69
C GLN A 13 -0.87 10.60 6.47
N ILE A 14 -0.34 9.37 6.67
CA ILE A 14 -1.23 8.20 6.59
CA ILE A 14 -1.23 8.20 6.59
C ILE A 14 -1.95 7.90 7.92
N CYS A 15 -1.14 7.46 8.91
CA CYS A 15 -1.75 6.81 10.08
C CYS A 15 -2.37 7.75 11.12
N GLN A 16 -2.20 9.09 10.99
CA GLN A 16 -2.99 10.00 11.80
C GLN A 16 -4.20 10.52 11.04
N HIS A 17 -4.40 10.08 9.79
CA HIS A 17 -5.57 10.48 9.01
C HIS A 17 -6.49 9.30 8.69
N VAL A 18 -5.98 8.08 8.85
CA VAL A 18 -6.78 6.88 8.77
C VAL A 18 -6.33 6.00 9.93
N ASP A 19 -7.22 5.12 10.37
CA ASP A 19 -6.90 4.18 11.43
C ASP A 19 -6.36 2.89 10.81
N CYS A 20 -5.01 2.81 10.87
N CYS A 20 -5.05 2.71 10.88
CA CYS A 20 -4.13 1.87 10.17
CA CYS A 20 -4.51 1.68 10.03
C CYS A 20 -4.09 0.46 10.78
C CYS A 20 -4.16 0.42 10.78
N ARG A 21 -4.30 -0.61 9.98
CA ARG A 21 -3.76 -1.91 10.27
C ARG A 21 -2.30 -2.03 9.81
N LEU A 22 -1.99 -1.43 8.66
CA LEU A 22 -0.63 -1.43 8.12
C LEU A 22 -0.49 -0.21 7.22
N ALA A 23 0.73 0.27 7.11
CA ALA A 23 1.07 1.30 6.14
C ALA A 23 2.54 1.18 5.80
N VAL A 24 2.86 1.28 4.51
CA VAL A 24 4.25 1.06 4.10
C VAL A 24 4.57 1.86 2.86
N ILE A 25 5.78 2.43 2.87
CA ILE A 25 6.39 3.02 1.70
C ILE A 25 7.61 2.20 1.35
N ALA A 26 7.72 1.76 0.10
CA ALA A 26 8.78 0.87 -0.29
C ALA A 26 9.30 1.30 -1.66
N GLY A 27 10.54 0.93 -1.99
CA GLY A 27 11.07 1.19 -3.32
C GLY A 27 10.39 0.31 -4.36
N LEU A 28 10.06 0.88 -5.51
CA LEU A 28 9.54 0.04 -6.59
C LEU A 28 10.56 -0.95 -7.17
N GLN A 29 11.81 -0.53 -7.27
CA GLN A 29 12.80 -1.32 -8.02
C GLN A 29 13.10 -2.63 -7.28
N ASP A 30 13.06 -2.60 -5.95
CA ASP A 30 13.50 -3.77 -5.18
C ASP A 30 12.54 -4.15 -4.04
N GLY A 31 11.44 -3.42 -3.85
CA GLY A 31 10.58 -3.67 -2.72
C GLY A 31 11.17 -3.38 -1.33
N ALA A 32 12.32 -2.67 -1.23
CA ALA A 32 12.89 -2.37 0.07
C ALA A 32 11.99 -1.39 0.82
N VAL A 33 11.80 -1.61 2.14
CA VAL A 33 10.95 -0.76 2.94
C VAL A 33 11.72 0.51 3.23
N TRP A 34 11.09 1.65 2.98
CA TRP A 34 11.58 2.95 3.37
C TRP A 34 11.02 3.33 4.74
N ALA A 35 9.74 3.01 5.01
CA ALA A 35 9.16 3.14 6.33
C ALA A 35 7.90 2.31 6.39
N LYS A 36 7.53 1.86 7.58
CA LYS A 36 6.30 1.14 7.76
C LYS A 36 5.79 1.21 9.18
N PHE A 37 4.49 0.96 9.31
CA PHE A 37 3.78 0.87 10.57
C PHE A 37 2.87 -0.33 10.50
N GLU A 38 2.73 -1.08 11.59
CA GLU A 38 1.78 -2.19 11.68
CA GLU A 38 1.71 -2.13 11.66
C GLU A 38 1.05 -2.20 13.04
N LYS A 39 -0.20 -2.66 13.02
CA LYS A 39 -0.96 -2.84 14.26
C LYS A 39 -0.70 -4.25 14.77
N ASP A 40 -1.40 -5.26 14.23
CA ASP A 40 -1.34 -6.63 14.75
C ASP A 40 -1.47 -7.64 13.61
N LEU A 41 -0.48 -7.71 12.73
CA LEU A 41 -0.47 -8.61 11.60
C LEU A 41 0.07 -9.97 11.97
N PRO A 42 -0.31 -11.04 11.26
CA PRO A 42 0.23 -12.36 11.58
C PRO A 42 1.71 -12.49 11.32
N LYS A 43 2.19 -11.76 10.32
CA LYS A 43 3.60 -11.78 9.95
C LYS A 43 4.05 -10.38 9.59
N GLN A 44 5.32 -10.00 9.81
CA GLN A 44 5.78 -8.68 9.37
C GLN A 44 5.82 -8.67 7.85
N ILE A 45 5.51 -7.51 7.30
CA ILE A 45 5.54 -7.30 5.88
C ILE A 45 6.97 -7.51 5.37
N THR A 46 7.11 -8.25 4.28
CA THR A 46 8.43 -8.58 3.75
C THR A 46 8.73 -7.86 2.44
N GLN A 47 10.04 -7.74 2.17
CA GLN A 47 10.49 -7.26 0.85
CA GLN A 47 10.50 -7.27 0.84
C GLN A 47 9.96 -8.16 -0.30
N GLN A 48 9.92 -9.46 -0.05
CA GLN A 48 9.42 -10.35 -1.07
C GLN A 48 7.97 -10.02 -1.41
N GLU A 49 7.13 -9.81 -0.39
CA GLU A 49 5.75 -9.44 -0.66
C GLU A 49 5.66 -8.15 -1.47
N LEU A 50 6.46 -7.16 -1.08
CA LEU A 50 6.41 -5.85 -1.71
C LEU A 50 6.92 -5.92 -3.14
N LYS A 51 8.01 -6.65 -3.37
CA LYS A 51 8.52 -6.79 -4.72
C LYS A 51 7.52 -7.51 -5.63
N THR A 52 6.83 -8.54 -5.10
CA THR A 52 5.80 -9.22 -5.87
C THR A 52 4.73 -8.23 -6.30
N ILE A 53 4.28 -7.36 -5.38
CA ILE A 53 3.27 -6.37 -5.70
C ILE A 53 3.77 -5.37 -6.71
N ALA A 54 4.98 -4.85 -6.48
CA ALA A 54 5.54 -3.85 -7.39
C ALA A 54 5.67 -4.43 -8.80
N ASP A 55 6.15 -5.67 -8.91
CA ASP A 55 6.36 -6.31 -10.21
C ASP A 55 5.02 -6.44 -10.94
N ALA A 56 3.98 -6.86 -10.21
CA ALA A 56 2.68 -7.07 -10.83
C ALA A 56 2.06 -5.75 -11.24
N ILE A 57 2.13 -4.73 -10.39
CA ILE A 57 1.55 -3.47 -10.79
CA ILE A 57 1.55 -3.45 -10.76
C ILE A 57 2.24 -2.90 -12.02
N ARG A 58 3.55 -3.12 -12.14
CA ARG A 58 4.29 -2.62 -13.29
CA ARG A 58 4.31 -2.63 -13.30
C ARG A 58 4.01 -3.39 -14.60
N SER A 59 3.74 -4.68 -14.48
CA SER A 59 3.75 -5.51 -15.68
C SER A 59 2.40 -6.14 -16.02
N ASN A 60 1.61 -6.49 -15.02
CA ASN A 60 0.35 -7.20 -15.23
C ASN A 60 -0.58 -7.07 -14.01
N PRO A 61 -1.24 -5.93 -13.86
CA PRO A 61 -2.15 -5.72 -12.72
C PRO A 61 -3.26 -6.78 -12.59
N ASN A 62 -3.67 -7.42 -13.69
CA ASN A 62 -4.70 -8.48 -13.61
C ASN A 62 -4.27 -9.72 -12.85
N SER A 63 -2.97 -9.91 -12.66
CA SER A 63 -2.51 -11.07 -11.93
C SER A 63 -3.12 -11.12 -10.52
N PHE A 64 -3.45 -9.94 -9.95
CA PHE A 64 -4.00 -9.89 -8.60
C PHE A 64 -5.38 -10.58 -8.52
N LEU A 65 -6.08 -10.71 -9.65
CA LEU A 65 -7.38 -11.37 -9.65
C LEU A 65 -7.23 -12.84 -9.26
N GLU A 66 -6.19 -13.48 -9.74
CA GLU A 66 -5.94 -14.90 -9.43
C GLU A 66 -5.09 -15.04 -8.18
N GLY A 67 -4.05 -14.22 -8.07
CA GLY A 67 -3.12 -14.34 -6.96
C GLY A 67 -3.56 -13.71 -5.66
N GLY A 68 -4.61 -12.87 -5.64
CA GLY A 68 -4.93 -12.06 -4.46
C GLY A 68 -3.79 -11.08 -4.21
N ILE A 69 -3.92 -10.29 -3.16
CA ILE A 69 -2.88 -9.32 -2.80
C ILE A 69 -2.39 -9.70 -1.41
N HIS A 70 -1.11 -10.09 -1.31
CA HIS A 70 -0.57 -10.66 -0.08
C HIS A 70 0.36 -9.68 0.62
N LEU A 71 0.01 -9.31 1.85
CA LEU A 71 0.79 -8.41 2.69
C LEU A 71 0.70 -8.86 4.13
N GLY A 72 1.83 -8.95 4.82
CA GLY A 72 1.80 -9.23 6.26
C GLY A 72 1.11 -10.55 6.58
N GLY A 73 1.21 -11.50 5.67
CA GLY A 73 0.61 -12.80 5.89
C GLY A 73 -0.90 -12.78 5.77
N GLU A 74 -1.46 -11.73 5.14
CA GLU A 74 -2.89 -11.58 4.89
C GLU A 74 -3.17 -11.50 3.40
N LYS A 75 -4.22 -12.16 2.97
CA LYS A 75 -4.65 -12.15 1.59
C LYS A 75 -5.86 -11.23 1.44
N TYR A 76 -5.68 -10.17 0.63
CA TYR A 76 -6.77 -9.28 0.26
C TYR A 76 -7.25 -9.65 -1.15
N ILE A 77 -8.55 -9.56 -1.36
CA ILE A 77 -9.16 -9.82 -2.65
C ILE A 77 -9.22 -8.53 -3.42
N CYS A 78 -8.86 -8.60 -4.70
CA CYS A 78 -8.73 -7.41 -5.53
C CYS A 78 -10.08 -6.90 -6.01
N ILE A 79 -10.32 -5.59 -5.87
CA ILE A 79 -11.52 -4.97 -6.38
C ILE A 79 -11.23 -3.90 -7.43
N GLN A 80 -9.96 -3.52 -7.57
CA GLN A 80 -9.59 -2.55 -8.62
C GLN A 80 -8.11 -2.77 -8.93
N ALA A 81 -7.74 -2.71 -10.20
CA ALA A 81 -6.31 -2.85 -10.51
C ALA A 81 -5.95 -2.17 -11.82
N ASP A 82 -4.94 -1.31 -11.78
CA ASP A 82 -4.31 -0.77 -13.00
C ASP A 82 -2.83 -0.58 -12.66
N ASN A 83 -2.06 0.07 -13.54
CA ASN A 83 -0.60 0.11 -13.35
C ASN A 83 -0.16 1.16 -12.34
N SER A 84 -1.08 1.89 -11.71
CA SER A 84 -0.71 2.82 -10.67
C SER A 84 -1.59 2.81 -9.40
N LEU A 85 -2.69 2.04 -9.38
CA LEU A 85 -3.64 2.02 -8.28
C LEU A 85 -4.23 0.64 -8.20
N VAL A 86 -4.14 0.00 -7.03
CA VAL A 86 -4.73 -1.30 -6.75
C VAL A 86 -5.50 -1.17 -5.45
N ARG A 87 -6.72 -1.71 -5.42
CA ARG A 87 -7.52 -1.72 -4.18
C ARG A 87 -7.97 -3.13 -3.90
N GLY A 88 -8.10 -3.45 -2.63
CA GLY A 88 -8.53 -4.75 -2.20
C GLY A 88 -9.31 -4.70 -0.89
N ARG A 89 -9.84 -5.85 -0.54
CA ARG A 89 -10.62 -6.00 0.68
CA ARG A 89 -10.62 -5.99 0.69
C ARG A 89 -10.36 -7.36 1.32
N LYS A 90 -10.29 -7.35 2.65
CA LYS A 90 -10.25 -8.60 3.40
C LYS A 90 -11.29 -8.43 4.49
N GLY A 91 -12.46 -9.04 4.30
CA GLY A 91 -13.60 -8.76 5.15
C GLY A 91 -13.93 -7.27 5.12
N SER A 92 -13.94 -6.63 6.29
CA SER A 92 -14.23 -5.21 6.35
C SER A 92 -12.97 -4.36 6.43
N SER A 93 -11.81 -4.92 6.14
CA SER A 93 -10.58 -4.14 6.02
C SER A 93 -10.31 -3.79 4.56
N ALA A 94 -10.09 -2.53 4.31
CA ALA A 94 -9.78 -2.04 2.97
C ALA A 94 -8.27 -1.87 2.82
N LEU A 95 -7.80 -2.04 1.58
CA LEU A 95 -6.40 -1.90 1.17
C LEU A 95 -6.35 -0.99 -0.04
N CYS A 96 -5.41 -0.06 -0.04
CA CYS A 96 -5.16 0.81 -1.17
C CYS A 96 -3.66 0.89 -1.40
N ILE A 97 -3.25 0.70 -2.66
CA ILE A 97 -1.86 0.66 -3.09
C ILE A 97 -1.71 1.60 -4.27
N VAL A 98 -0.69 2.47 -4.21
CA VAL A 98 -0.35 3.36 -5.31
CA VAL A 98 -0.36 3.34 -5.33
C VAL A 98 1.11 3.19 -5.66
N ALA A 99 1.39 3.30 -6.97
CA ALA A 99 2.76 3.40 -7.46
C ALA A 99 3.05 4.83 -7.88
N THR A 100 4.13 5.39 -7.37
CA THR A 100 4.59 6.73 -7.77
C THR A 100 5.67 6.53 -8.83
N ASN A 101 6.57 7.50 -9.00
CA ASN A 101 7.67 7.32 -9.94
C ASN A 101 8.75 6.39 -9.40
N THR A 102 8.91 6.30 -8.06
CA THR A 102 10.00 5.52 -7.47
C THR A 102 9.52 4.65 -6.30
N CYS A 103 8.29 4.86 -5.81
CA CYS A 103 7.88 4.11 -4.63
CA CYS A 103 7.86 4.14 -4.61
C CYS A 103 6.51 3.44 -4.75
N LEU A 104 6.35 2.45 -3.86
CA LEU A 104 5.06 1.79 -3.70
C LEU A 104 4.49 2.25 -2.36
N LEU A 105 3.29 2.82 -2.33
N LEU A 105 3.29 2.84 -2.32
CA LEU A 105 2.67 3.21 -1.05
CA LEU A 105 2.66 3.20 -1.06
C LEU A 105 1.46 2.29 -0.85
C LEU A 105 1.48 2.24 -0.87
N ALA A 106 1.41 1.60 0.29
CA ALA A 106 0.32 0.67 0.57
C ALA A 106 -0.19 0.95 1.97
N ALA A 107 -1.50 0.97 2.16
CA ALA A 107 -2.05 1.02 3.51
C ALA A 107 -3.35 0.22 3.55
N ALA A 108 -3.59 -0.40 4.68
CA ALA A 108 -4.84 -1.06 4.94
C ALA A 108 -5.39 -0.59 6.27
N THR A 109 -6.70 -0.45 6.32
CA THR A 109 -7.30 0.12 7.53
C THR A 109 -7.93 -0.97 8.37
N VAL A 110 -8.17 -0.63 9.64
CA VAL A 110 -8.80 -1.57 10.57
C VAL A 110 -10.22 -1.93 10.08
N ASP A 111 -10.74 -3.05 10.56
CA ASP A 111 -12.10 -3.47 10.22
C ASP A 111 -13.06 -2.32 10.51
N GLY A 112 -13.94 -1.99 9.55
CA GLY A 112 -14.97 -1.01 9.82
C GLY A 112 -14.57 0.43 9.50
N PHE A 113 -13.34 0.65 9.05
CA PHE A 113 -12.96 1.98 8.62
C PHE A 113 -13.41 2.21 7.19
N PRO A 114 -14.00 3.39 6.87
CA PRO A 114 -14.52 3.64 5.52
C PRO A 114 -13.46 3.55 4.43
N PRO A 115 -13.68 2.68 3.43
CA PRO A 115 -12.66 2.52 2.39
C PRO A 115 -12.36 3.78 1.61
N GLY A 116 -13.38 4.58 1.34
CA GLY A 116 -13.15 5.78 0.58
C GLY A 116 -12.25 6.79 1.30
N GLN A 117 -12.30 6.83 2.65
CA GLN A 117 -11.38 7.68 3.39
C GLN A 117 -9.93 7.22 3.20
N LEU A 118 -9.71 5.91 3.27
CA LEU A 118 -8.39 5.35 3.02
C LEU A 118 -7.91 5.75 1.62
N ASN A 119 -8.79 5.53 0.64
CA ASN A 119 -8.36 5.76 -0.73
C ASN A 119 -7.96 7.22 -0.91
N ASN A 120 -8.75 8.13 -0.36
CA ASN A 120 -8.42 9.54 -0.50
C ASN A 120 -7.06 9.87 0.09
N VAL A 121 -6.77 9.34 1.28
CA VAL A 121 -5.54 9.69 1.95
C VAL A 121 -4.31 9.10 1.26
N VAL A 122 -4.40 7.86 0.80
CA VAL A 122 -3.27 7.23 0.12
C VAL A 122 -3.02 7.87 -1.23
N GLU A 123 -4.09 8.13 -1.98
CA GLU A 123 -3.92 8.76 -3.29
C GLU A 123 -3.37 10.18 -3.14
N LYS A 124 -3.79 10.91 -2.11
CA LYS A 124 -3.25 12.25 -1.88
C LYS A 124 -1.75 12.20 -1.58
N LEU A 125 -1.29 11.29 -0.73
CA LEU A 125 0.14 11.18 -0.47
C LEU A 125 0.86 10.76 -1.75
N GLY A 126 0.29 9.81 -2.49
CA GLY A 126 0.94 9.39 -3.73
C GLY A 126 1.11 10.53 -4.73
N ASP A 127 0.07 11.36 -4.84
CA ASP A 127 0.18 12.49 -5.73
C ASP A 127 1.22 13.50 -5.25
N TYR A 128 1.26 13.76 -3.93
CA TYR A 128 2.25 14.65 -3.34
C TYR A 128 3.67 14.12 -3.61
N LEU A 129 3.89 12.81 -3.47
CA LEU A 129 5.21 12.26 -3.68
C LEU A 129 5.61 12.38 -5.15
N LYS A 130 4.68 12.04 -6.05
CA LYS A 130 4.97 12.18 -7.47
C LYS A 130 5.33 13.62 -7.82
N ALA A 131 4.62 14.56 -7.20
CA ALA A 131 4.82 15.97 -7.53
C ALA A 131 6.11 16.50 -6.92
N ASN A 132 6.77 15.69 -6.08
CA ASN A 132 8.06 16.01 -5.50
C ASN A 132 9.18 15.10 -6.02
N ASN A 133 8.96 14.45 -7.17
CA ASN A 133 9.97 13.65 -7.85
C ASN A 133 10.23 12.31 -7.15
N TYR A 134 9.23 11.80 -6.43
N TYR A 134 9.25 11.79 -6.43
CA TYR A 134 9.28 10.45 -5.89
CA TYR A 134 9.39 10.50 -5.79
C TYR A 134 8.16 9.59 -6.50
C TYR A 134 8.49 9.44 -6.46
#